data_6B5L
#
_entry.id   6B5L
#
_cell.length_a   93.942
_cell.length_b   61.668
_cell.length_c   75.371
_cell.angle_alpha   90.00
_cell.angle_beta   106.04
_cell.angle_gamma   90.00
#
_symmetry.space_group_name_H-M   'C 1 2 1'
#
loop_
_entity.id
_entity.type
_entity.pdbx_description
1 polymer 'CIS43 Fab Heavy chain'
2 polymer 'CIS43 Fab Light Chain'
3 polymer 'PfCSP peptide 20: ASN-PRO-ASP-PRO-ASN-ALA-ASN-PRO-ASN-VAL'
4 water water
#
loop_
_entity_poly.entity_id
_entity_poly.type
_entity_poly.pdbx_seq_one_letter_code
_entity_poly.pdbx_strand_id
1 'polypeptide(L)'
;QVQLVQSGAEVKKPGASVKVSCKASGYTFTSYAIHWVRQAPGQRLEWMGWIKAGNGNTRYSQKFQDRVTITRDTSTTTAY
MELSSLRSEDTAVYYCALLTVLTPDDAFDIWGQGTMVTVSSASTKGPSVFPLAPSSKSTSGGTAALGCLVKDYFPEPVTV
SWNSGALTSGVHTFPAVLQSSGLYSLSSVVTVPSSSLGTQTYICNVNHKPSNTKVDKKVEPKSCDK
;
H
2 'polypeptide(L)'
;DIVMTQSPDSLAVSLGERATINCKSSQSVLYSSNNKNYLAWYQQKPGQPPNLLIYWASTRQSGVPDRFSGSGSGTDFTLT
ISSLQAEDVAVYYCHQYYSSPLTFGGGTKVEIKRTVAAPSVFIFPPSDEQLKSGTASVVCLLNNFYPREAKVQWKVDNAL
QSGNSQESVTEQDSKDSTYSLSSTLTLSKADYEKHKVYACEVTHQGLSSPVTKSFNRGEC
;
L
3 'polypeptide(L)' NPDPNANPNVD A
#
# COMPACT_ATOMS: atom_id res chain seq x y z
N VAL A 2 12.79 -8.81 -16.15
CA VAL A 2 11.65 -8.10 -16.71
C VAL A 2 11.09 -7.15 -15.65
N GLN A 3 11.75 -6.01 -15.47
CA GLN A 3 11.54 -5.16 -14.31
C GLN A 3 11.47 -3.69 -14.71
N LEU A 4 10.74 -2.91 -13.90
CA LEU A 4 10.66 -1.46 -14.05
C LEU A 4 10.86 -0.81 -12.69
N VAL A 5 11.81 0.13 -12.61
CA VAL A 5 12.23 0.73 -11.35
C VAL A 5 12.07 2.25 -11.46
N GLN A 6 11.21 2.81 -10.63
CA GLN A 6 10.90 4.23 -10.65
C GLN A 6 11.71 4.98 -9.59
N SER A 7 11.84 6.28 -9.81
CA SER A 7 12.54 7.15 -8.89
C SER A 7 11.71 7.34 -7.62
N GLY A 8 12.37 7.92 -6.59
CA GLY A 8 11.78 8.03 -5.27
C GLY A 8 10.72 9.12 -5.17
N ALA A 9 10.02 9.10 -4.05
CA ALA A 9 8.90 10.01 -3.82
C ALA A 9 9.41 11.43 -3.61
N GLU A 10 8.61 12.40 -4.05
CA GLU A 10 9.02 13.80 -4.06
C GLU A 10 7.88 14.68 -3.56
N VAL A 11 8.24 15.89 -3.13
CA VAL A 11 7.26 16.92 -2.79
C VAL A 11 7.63 18.20 -3.53
N LYS A 12 6.64 18.85 -4.13
CA LYS A 12 6.85 20.07 -4.90
C LYS A 12 5.86 21.13 -4.46
N LYS A 13 6.16 22.37 -4.84
CA LYS A 13 5.31 23.52 -4.51
C LYS A 13 4.27 23.72 -5.60
N PRO A 14 3.04 24.11 -5.26
CA PRO A 14 2.04 24.35 -6.31
C PRO A 14 2.62 25.24 -7.40
N GLY A 15 2.37 24.85 -8.65
CA GLY A 15 2.90 25.55 -9.79
C GLY A 15 4.25 25.06 -10.27
N ALA A 16 5.00 24.36 -9.43
CA ALA A 16 6.29 23.80 -9.84
C ALA A 16 6.02 22.60 -10.74
N SER A 17 7.09 21.89 -11.10
CA SER A 17 7.02 20.69 -11.92
C SER A 17 7.68 19.53 -11.20
N VAL A 18 7.34 18.33 -11.66
CA VAL A 18 7.95 17.10 -11.17
C VAL A 18 8.37 16.28 -12.38
N LYS A 19 9.44 15.51 -12.24
CA LYS A 19 9.98 14.68 -13.32
C LYS A 19 10.25 13.30 -12.74
N VAL A 20 9.32 12.38 -12.95
CA VAL A 20 9.49 10.99 -12.54
C VAL A 20 10.22 10.25 -13.64
N SER A 21 10.91 9.17 -13.27
CA SER A 21 11.66 8.36 -14.22
C SER A 21 11.29 6.90 -14.04
N CYS A 22 11.46 6.14 -15.12
CA CYS A 22 11.18 4.72 -15.15
C CYS A 22 12.36 4.03 -15.82
N LYS A 23 13.15 3.27 -15.06
CA LYS A 23 14.25 2.51 -15.64
C LYS A 23 13.77 1.10 -15.94
N ALA A 24 14.01 0.64 -17.16
CA ALA A 24 13.61 -0.68 -17.60
C ALA A 24 14.83 -1.57 -17.80
N SER A 25 14.60 -2.87 -17.67
CA SER A 25 15.65 -3.87 -17.89
C SER A 25 14.99 -5.24 -17.92
N GLY A 26 15.71 -6.21 -18.47
CA GLY A 26 15.23 -7.57 -18.57
C GLY A 26 14.48 -7.90 -19.84
N TYR A 27 14.36 -6.94 -20.77
CA TYR A 27 13.63 -7.17 -22.01
C TYR A 27 14.11 -6.17 -23.04
N THR A 28 13.70 -6.41 -24.28
CA THR A 28 14.04 -5.50 -25.38
C THR A 28 13.29 -4.18 -25.21
N PHE A 29 14.04 -3.12 -24.87
CA PHE A 29 13.41 -1.86 -24.47
C PHE A 29 12.67 -1.20 -25.63
N THR A 30 13.26 -1.21 -26.83
CA THR A 30 12.72 -0.46 -27.96
C THR A 30 11.51 -1.12 -28.59
N SER A 31 11.12 -2.31 -28.16
CA SER A 31 10.05 -3.04 -28.82
C SER A 31 8.67 -2.67 -28.33
N TYR A 32 8.55 -2.04 -27.15
CA TYR A 32 7.25 -1.90 -26.51
C TYR A 32 7.08 -0.47 -26.02
N ALA A 33 5.83 -0.12 -25.70
CA ALA A 33 5.49 1.20 -25.23
C ALA A 33 5.26 1.19 -23.73
N ILE A 34 5.74 2.23 -23.06
CA ILE A 34 5.60 2.39 -21.61
C ILE A 34 4.51 3.40 -21.35
N HIS A 35 3.54 3.01 -20.54
CA HIS A 35 2.41 3.86 -20.17
C HIS A 35 2.71 4.55 -18.84
N TRP A 36 1.91 5.57 -18.54
CA TRP A 36 1.98 6.25 -17.26
C TRP A 36 0.57 6.34 -16.69
N VAL A 37 0.40 5.78 -15.50
CA VAL A 37 -0.89 5.69 -14.84
C VAL A 37 -0.73 6.26 -13.44
N ARG A 38 -1.77 6.92 -12.94
CA ARG A 38 -1.71 7.51 -11.62
C ARG A 38 -2.86 7.01 -10.76
N GLN A 39 -2.58 6.76 -9.49
CA GLN A 39 -3.59 6.30 -8.54
C GLN A 39 -3.71 7.35 -7.43
N ALA A 40 -4.72 8.19 -7.52
CA ALA A 40 -5.02 9.17 -6.49
C ALA A 40 -5.68 8.47 -5.32
N PRO A 41 -5.79 9.12 -4.17
CA PRO A 41 -6.26 8.45 -2.96
C PRO A 41 -7.77 8.29 -2.96
N GLY A 42 -8.24 7.06 -3.18
CA GLY A 42 -9.65 6.76 -3.29
C GLY A 42 -10.18 6.71 -4.70
N GLN A 43 -9.45 7.25 -5.66
CA GLN A 43 -9.89 7.28 -7.05
C GLN A 43 -9.44 6.04 -7.79
N ARG A 44 -10.17 5.71 -8.86
CA ARG A 44 -9.75 4.59 -9.69
C ARG A 44 -8.47 4.94 -10.45
N LEU A 45 -7.79 3.92 -10.93
CA LEU A 45 -6.59 4.15 -11.71
C LEU A 45 -6.93 4.97 -12.95
N GLU A 46 -5.96 5.78 -13.38
CA GLU A 46 -6.23 6.85 -14.34
C GLU A 46 -5.07 6.94 -15.31
N TRP A 47 -5.33 6.56 -16.55
CA TRP A 47 -4.31 6.52 -17.59
C TRP A 47 -3.97 7.94 -18.04
N MET A 48 -2.69 8.20 -18.21
CA MET A 48 -2.20 9.51 -18.59
C MET A 48 -1.67 9.56 -20.01
N GLY A 49 -1.01 8.51 -20.47
CA GLY A 49 -0.39 8.52 -21.78
C GLY A 49 0.59 7.39 -21.91
N TRP A 50 1.01 7.14 -23.15
CA TRP A 50 2.06 6.18 -23.42
C TRP A 50 3.10 6.82 -24.34
N ILE A 51 4.28 6.22 -24.36
CA ILE A 51 5.35 6.60 -25.28
C ILE A 51 5.88 5.33 -25.91
N LYS A 52 6.08 5.37 -27.23
CA LYS A 52 6.73 4.26 -27.91
C LYS A 52 8.22 4.36 -27.68
N ALA A 53 8.77 3.37 -26.96
CA ALA A 53 10.15 3.45 -26.50
C ALA A 53 11.11 3.57 -27.68
N GLY A 54 10.80 2.94 -28.80
CA GLY A 54 11.66 2.99 -29.96
C GLY A 54 11.77 4.35 -30.58
N ASN A 55 10.68 4.87 -31.16
CA ASN A 55 10.72 6.11 -31.92
C ASN A 55 10.21 7.31 -31.14
N GLY A 56 9.77 7.13 -29.90
CA GLY A 56 9.43 8.24 -29.04
C GLY A 56 8.09 8.90 -29.29
N ASN A 57 7.25 8.32 -30.13
CA ASN A 57 5.91 8.87 -30.35
C ASN A 57 5.07 8.71 -29.09
N THR A 58 4.18 9.69 -28.86
CA THR A 58 3.41 9.75 -27.64
C THR A 58 1.94 9.99 -27.94
N ARG A 59 1.09 9.51 -27.02
CA ARG A 59 -0.32 9.83 -26.97
C ARG A 59 -0.66 10.16 -25.53
N TYR A 60 -1.43 11.22 -25.31
CA TYR A 60 -1.78 11.67 -23.97
C TYR A 60 -3.29 11.65 -23.79
N SER A 61 -3.73 11.19 -22.62
CA SER A 61 -5.12 11.34 -22.22
C SER A 61 -5.53 12.81 -22.34
N GLN A 62 -6.81 13.04 -22.63
CA GLN A 62 -7.29 14.41 -22.80
C GLN A 62 -7.22 15.19 -21.49
N LYS A 63 -7.31 14.50 -20.35
CA LYS A 63 -7.26 15.22 -19.08
C LYS A 63 -5.89 15.83 -18.82
N PHE A 64 -4.83 15.27 -19.42
CA PHE A 64 -3.47 15.73 -19.16
C PHE A 64 -2.75 16.21 -20.40
N GLN A 65 -3.48 16.75 -21.39
CA GLN A 65 -2.83 17.13 -22.64
C GLN A 65 -1.82 18.25 -22.42
N ASP A 66 -2.19 19.27 -21.64
CA ASP A 66 -1.37 20.48 -21.53
C ASP A 66 -0.15 20.28 -20.64
N ARG A 67 -0.25 19.44 -19.61
CA ARG A 67 0.72 19.47 -18.52
C ARG A 67 1.65 18.25 -18.46
N VAL A 68 1.46 17.24 -19.29
CA VAL A 68 2.24 16.02 -19.23
C VAL A 68 3.21 15.98 -20.40
N THR A 69 4.39 15.43 -20.16
CA THR A 69 5.35 15.13 -21.21
C THR A 69 6.06 13.84 -20.84
N ILE A 70 5.98 12.84 -21.71
CA ILE A 70 6.69 11.58 -21.53
C ILE A 70 7.87 11.58 -22.49
N THR A 71 9.03 11.09 -22.02
CA THR A 71 10.21 11.00 -22.85
C THR A 71 10.94 9.69 -22.54
N ARG A 72 11.99 9.42 -23.30
CA ARG A 72 12.76 8.20 -23.09
C ARG A 72 14.18 8.39 -23.62
N ASP A 73 15.11 7.64 -23.00
CA ASP A 73 16.51 7.61 -23.39
C ASP A 73 16.87 6.15 -23.64
N THR A 74 17.07 5.78 -24.91
CA THR A 74 17.24 4.38 -25.27
C THR A 74 18.54 3.81 -24.73
N SER A 75 19.57 4.64 -24.57
CA SER A 75 20.85 4.14 -24.08
C SER A 75 20.73 3.64 -22.65
N THR A 76 20.11 4.42 -21.77
CA THR A 76 19.96 4.04 -20.38
C THR A 76 18.68 3.27 -20.09
N THR A 77 17.85 3.01 -21.11
CA THR A 77 16.68 2.15 -20.97
C THR A 77 15.64 2.79 -20.05
N THR A 78 15.49 4.11 -20.13
CA THR A 78 14.72 4.86 -19.13
C THR A 78 13.66 5.73 -19.79
N ALA A 79 12.49 5.77 -19.18
CA ALA A 79 11.41 6.65 -19.59
C ALA A 79 11.14 7.67 -18.51
N TYR A 80 10.66 8.84 -18.91
CA TYR A 80 10.38 9.94 -18.00
C TYR A 80 8.98 10.48 -18.21
N MET A 81 8.41 11.03 -17.14
CA MET A 81 7.11 11.67 -17.18
C MET A 81 7.20 12.96 -16.38
N GLU A 82 7.00 14.09 -17.06
CA GLU A 82 7.09 15.41 -16.43
C GLU A 82 5.70 16.02 -16.37
N LEU A 83 5.29 16.45 -15.17
CA LEU A 83 4.01 17.09 -14.96
C LEU A 83 4.26 18.48 -14.43
N SER A 84 3.73 19.49 -15.13
CA SER A 84 3.93 20.89 -14.79
C SER A 84 2.65 21.48 -14.21
N SER A 85 2.79 22.69 -13.66
CA SER A 85 1.68 23.42 -13.05
C SER A 85 0.94 22.52 -12.05
N LEU A 86 1.68 22.11 -11.02
CA LEU A 86 1.16 21.13 -10.07
C LEU A 86 0.10 21.75 -9.16
N ARG A 87 -0.95 20.97 -8.89
CA ARG A 87 -2.09 21.40 -8.11
C ARG A 87 -2.42 20.34 -7.06
N SER A 88 -3.35 20.69 -6.17
CA SER A 88 -3.68 19.79 -5.07
C SER A 88 -4.14 18.43 -5.58
N GLU A 89 -4.99 18.41 -6.62
CA GLU A 89 -5.50 17.16 -7.15
C GLU A 89 -4.39 16.23 -7.64
N ASP A 90 -3.19 16.76 -7.89
CA ASP A 90 -2.11 15.98 -8.47
C ASP A 90 -1.37 15.12 -7.45
N THR A 91 -1.77 15.16 -6.18
CA THR A 91 -1.20 14.27 -5.18
C THR A 91 -1.69 12.85 -5.44
N ALA A 92 -0.80 11.98 -5.90
CA ALA A 92 -1.15 10.60 -6.23
C ALA A 92 0.14 9.81 -6.35
N VAL A 93 -0.02 8.50 -6.53
CA VAL A 93 1.09 7.62 -6.89
C VAL A 93 1.11 7.49 -8.41
N TYR A 94 2.27 7.77 -9.01
CA TYR A 94 2.43 7.75 -10.45
C TYR A 94 3.21 6.50 -10.86
N TYR A 95 2.55 5.59 -11.58
CA TYR A 95 3.16 4.37 -12.06
C TYR A 95 3.57 4.51 -13.52
N CYS A 96 4.64 3.81 -13.88
CA CYS A 96 4.92 3.45 -15.26
C CYS A 96 4.70 1.96 -15.40
N ALA A 97 4.15 1.54 -16.54
CA ALA A 97 3.83 0.13 -16.73
C ALA A 97 3.92 -0.26 -18.20
N LEU A 98 4.37 -1.49 -18.43
CA LEU A 98 4.17 -2.17 -19.70
C LEU A 98 2.78 -2.79 -19.63
N LEU A 99 1.78 -2.04 -20.05
CA LEU A 99 0.40 -2.50 -19.97
C LEU A 99 0.14 -3.55 -21.04
N THR A 100 -0.27 -4.74 -20.61
CA THR A 100 -0.76 -5.79 -21.50
C THR A 100 0.01 -5.81 -22.82
N VAL A 101 1.27 -6.22 -22.78
CA VAL A 101 2.02 -6.49 -23.99
C VAL A 101 1.52 -7.80 -24.55
N LEU A 102 0.59 -7.74 -25.50
CA LEU A 102 -0.03 -8.93 -26.07
C LEU A 102 0.38 -9.00 -27.55
N THR A 103 1.48 -9.71 -27.80
CA THR A 103 1.96 -9.97 -29.14
C THR A 103 1.83 -11.45 -29.46
N PRO A 104 1.84 -11.83 -30.74
CA PRO A 104 1.77 -13.26 -31.06
C PRO A 104 2.89 -14.07 -30.43
N ASP A 105 4.03 -13.45 -30.16
CA ASP A 105 5.17 -14.16 -29.61
C ASP A 105 5.20 -14.15 -28.09
N ASP A 106 4.67 -13.11 -27.45
CA ASP A 106 4.84 -12.96 -26.01
C ASP A 106 3.63 -12.25 -25.41
N ALA A 107 3.41 -12.50 -24.12
CA ALA A 107 2.28 -11.92 -23.40
C ALA A 107 2.71 -11.72 -21.95
N PHE A 108 2.91 -10.46 -21.57
CA PHE A 108 3.29 -10.13 -20.20
C PHE A 108 2.76 -8.75 -19.83
N ASP A 109 2.88 -8.42 -18.55
CA ASP A 109 2.41 -7.14 -18.02
C ASP A 109 3.25 -6.81 -16.80
N ILE A 110 3.92 -5.66 -16.81
CA ILE A 110 4.85 -5.29 -15.76
C ILE A 110 4.63 -3.83 -15.35
N TRP A 111 4.65 -3.60 -14.04
CA TRP A 111 4.43 -2.29 -13.46
C TRP A 111 5.64 -1.87 -12.65
N GLY A 112 5.95 -0.57 -12.67
CA GLY A 112 6.87 -0.04 -11.70
C GLY A 112 6.25 0.00 -10.32
N GLN A 113 7.10 0.14 -9.30
CA GLN A 113 6.63 0.06 -7.92
C GLN A 113 5.82 1.28 -7.51
N GLY A 114 5.93 2.38 -8.25
CA GLY A 114 5.13 3.55 -7.99
C GLY A 114 5.93 4.68 -7.36
N THR A 115 5.60 5.91 -7.72
CA THR A 115 6.25 7.10 -7.19
C THR A 115 5.19 8.02 -6.61
N MET A 116 5.18 8.15 -5.28
CA MET A 116 4.25 9.05 -4.61
C MET A 116 4.74 10.48 -4.80
N VAL A 117 3.89 11.33 -5.36
CA VAL A 117 4.17 12.75 -5.49
C VAL A 117 3.17 13.52 -4.64
N THR A 118 3.67 14.36 -3.75
CA THR A 118 2.83 15.22 -2.92
C THR A 118 3.03 16.66 -3.35
N VAL A 119 1.93 17.37 -3.53
CA VAL A 119 1.96 18.78 -3.88
C VAL A 119 1.60 19.55 -2.62
N SER A 120 2.56 20.24 -2.04
CA SER A 120 2.33 20.96 -0.79
C SER A 120 3.41 22.01 -0.60
N SER A 121 3.01 23.09 0.07
CA SER A 121 3.96 24.12 0.46
C SER A 121 4.74 23.77 1.71
N ALA A 122 4.39 22.67 2.39
CA ALA A 122 5.09 22.29 3.60
C ALA A 122 6.45 21.69 3.27
N SER A 123 7.37 21.82 4.22
CA SER A 123 8.76 21.46 3.99
C SER A 123 9.00 19.99 4.26
N THR A 124 9.88 19.39 3.45
CA THR A 124 10.31 18.03 3.71
C THR A 124 10.93 17.94 5.10
N LYS A 125 10.71 16.81 5.76
CA LYS A 125 11.30 16.58 7.07
C LYS A 125 11.55 15.09 7.26
N GLY A 126 12.78 14.74 7.59
CA GLY A 126 13.14 13.35 7.77
C GLY A 126 12.72 12.86 9.14
N PRO A 127 12.45 11.57 9.24
CA PRO A 127 11.93 11.04 10.50
C PRO A 127 13.02 10.83 11.54
N SER A 128 12.59 10.87 12.80
CA SER A 128 13.38 10.32 13.89
C SER A 128 12.95 8.87 14.07
N VAL A 129 13.90 8.00 14.40
CA VAL A 129 13.67 6.56 14.51
C VAL A 129 13.98 6.15 15.94
N PHE A 130 12.94 5.80 16.69
CA PHE A 130 13.09 5.39 18.08
C PHE A 130 12.76 3.91 18.25
N PRO A 131 13.44 3.22 19.17
CA PRO A 131 13.16 1.79 19.36
C PRO A 131 11.94 1.56 20.24
N LEU A 132 11.18 0.54 19.90
CA LEU A 132 10.13 0.00 20.75
C LEU A 132 10.68 -1.30 21.31
N ALA A 133 11.34 -1.20 22.47
CA ALA A 133 12.15 -2.29 22.97
C ALA A 133 11.27 -3.42 23.52
N PRO A 134 11.63 -4.67 23.30
CA PRO A 134 10.91 -5.77 23.96
C PRO A 134 11.13 -5.74 25.46
N SER A 135 10.14 -6.25 26.19
CA SER A 135 10.14 -6.17 27.65
C SER A 135 9.08 -7.12 28.19
N SER A 136 8.92 -7.11 29.52
CA SER A 136 7.94 -7.97 30.15
C SER A 136 6.52 -7.64 29.68
N LYS A 137 6.25 -6.38 29.35
CA LYS A 137 4.94 -5.96 28.88
C LYS A 137 4.76 -6.12 27.38
N SER A 138 5.72 -6.74 26.69
CA SER A 138 5.65 -6.94 25.25
C SER A 138 5.71 -8.43 24.88
N THR A 139 5.41 -9.32 25.82
CA THR A 139 5.49 -10.75 25.59
C THR A 139 4.15 -11.40 25.88
N SER A 140 3.86 -12.47 25.14
CA SER A 140 2.65 -13.25 25.37
C SER A 140 2.86 -14.63 24.76
N GLY A 141 2.91 -15.65 25.62
CA GLY A 141 2.95 -17.03 25.16
C GLY A 141 4.17 -17.42 24.35
N GLY A 142 5.35 -17.04 24.82
CA GLY A 142 6.59 -17.47 24.19
C GLY A 142 7.11 -16.57 23.09
N THR A 143 6.36 -15.55 22.71
CA THR A 143 6.82 -14.60 21.71
C THR A 143 7.00 -13.23 22.34
N ALA A 144 7.93 -12.46 21.76
CA ALA A 144 8.19 -11.10 22.18
C ALA A 144 7.89 -10.17 21.02
N ALA A 145 7.30 -9.01 21.34
CA ALA A 145 6.99 -8.00 20.34
C ALA A 145 7.99 -6.86 20.47
N LEU A 146 8.54 -6.44 19.34
CA LEU A 146 9.43 -5.29 19.30
C LEU A 146 9.19 -4.55 18.00
N GLY A 147 9.64 -3.30 17.94
CA GLY A 147 9.42 -2.52 16.75
C GLY A 147 10.19 -1.22 16.75
N CYS A 148 9.86 -0.39 15.78
CA CYS A 148 10.41 0.96 15.65
C CYS A 148 9.28 1.96 15.55
N LEU A 149 9.48 3.13 16.13
CA LEU A 149 8.59 4.26 15.98
C LEU A 149 9.24 5.28 15.06
N VAL A 150 8.63 5.52 13.90
CA VAL A 150 9.12 6.48 12.92
C VAL A 150 8.23 7.71 13.03
N LYS A 151 8.71 8.75 13.72
CA LYS A 151 7.89 9.89 14.05
C LYS A 151 8.34 11.14 13.32
N ASP A 152 7.36 11.97 12.96
CA ASP A 152 7.61 13.33 12.48
C ASP A 152 8.35 13.40 11.15
N TYR A 153 7.71 13.00 10.05
CA TYR A 153 8.29 13.12 8.73
C TYR A 153 7.24 13.68 7.79
N PHE A 154 7.71 14.27 6.70
CA PHE A 154 6.82 14.76 5.65
C PHE A 154 7.64 14.85 4.37
N PRO A 155 7.07 14.42 3.23
CA PRO A 155 5.78 13.79 2.99
C PRO A 155 5.83 12.29 3.17
N GLU A 156 4.73 11.60 2.91
CA GLU A 156 4.76 10.14 2.77
C GLU A 156 5.50 9.73 1.49
N PRO A 157 5.99 8.48 1.44
CA PRO A 157 5.93 7.45 2.47
C PRO A 157 7.30 7.14 3.07
N VAL A 158 7.32 6.42 4.19
CA VAL A 158 8.52 5.75 4.65
C VAL A 158 8.30 4.26 4.48
N THR A 159 9.38 3.58 4.14
CA THR A 159 9.39 2.13 4.03
C THR A 159 10.21 1.58 5.19
N VAL A 160 9.75 0.47 5.76
CA VAL A 160 10.45 -0.16 6.87
C VAL A 160 10.66 -1.62 6.52
N SER A 161 11.91 -2.04 6.52
CA SER A 161 12.25 -3.46 6.51
C SER A 161 12.94 -3.82 7.81
N TRP A 162 13.19 -5.12 7.98
CA TRP A 162 13.86 -5.65 9.14
C TRP A 162 14.99 -6.56 8.71
N ASN A 163 16.14 -6.41 9.36
CA ASN A 163 17.34 -7.17 9.02
C ASN A 163 17.56 -7.21 7.52
N SER A 164 17.34 -6.07 6.86
CA SER A 164 17.63 -5.91 5.44
C SER A 164 16.78 -6.83 4.56
N GLY A 165 15.57 -7.16 5.01
CA GLY A 165 14.66 -7.99 4.23
C GLY A 165 14.65 -9.46 4.58
N ALA A 166 15.55 -9.91 5.47
CA ALA A 166 15.59 -11.33 5.84
C ALA A 166 14.49 -11.69 6.83
N LEU A 167 14.04 -10.74 7.65
CA LEU A 167 12.95 -10.97 8.58
C LEU A 167 11.68 -10.36 8.02
N THR A 168 10.69 -11.20 7.72
CA THR A 168 9.43 -10.75 7.13
C THR A 168 8.24 -11.33 7.87
N SER A 169 8.38 -12.56 8.36
CA SER A 169 7.31 -13.17 9.14
C SER A 169 7.09 -12.39 10.42
N GLY A 170 5.82 -12.22 10.80
CA GLY A 170 5.46 -11.52 12.01
C GLY A 170 5.54 -10.02 11.95
N VAL A 171 5.85 -9.50 10.79
CA VAL A 171 6.07 -8.07 10.67
C VAL A 171 4.75 -7.32 10.35
N HIS A 172 4.32 -6.29 11.10
CA HIS A 172 3.16 -5.42 10.80
C HIS A 172 3.69 -3.96 10.70
N THR A 173 3.64 -3.24 9.55
CA THR A 173 4.02 -1.82 9.40
C THR A 173 2.71 -1.14 9.25
N PHE A 174 2.46 -0.21 10.15
CA PHE A 174 1.14 0.40 10.22
C PHE A 174 1.05 1.60 9.28
N PRO A 175 -0.14 1.87 8.73
CA PRO A 175 -0.32 3.10 7.96
C PRO A 175 0.02 4.32 8.81
N ALA A 176 0.57 5.33 8.16
CA ALA A 176 0.95 6.55 8.83
C ALA A 176 -0.26 7.29 9.37
N VAL A 177 -0.09 7.92 10.53
CA VAL A 177 -1.10 8.80 11.09
C VAL A 177 -0.63 10.23 10.90
N LEU A 178 -1.60 11.13 10.73
CA LEU A 178 -1.34 12.54 10.50
C LEU A 178 -1.50 13.29 11.81
N GLN A 179 -0.44 13.97 12.24
CA GLN A 179 -0.47 14.74 13.47
C GLN A 179 -0.93 16.16 13.19
N SER A 180 -1.47 16.81 14.24
CA SER A 180 -1.97 18.17 14.09
C SER A 180 -0.89 19.12 13.59
N SER A 181 0.38 18.80 13.83
CA SER A 181 1.48 19.57 13.26
C SER A 181 1.54 19.49 11.74
N GLY A 182 0.85 18.52 11.14
CA GLY A 182 0.96 18.25 9.72
C GLY A 182 1.96 17.18 9.36
N LEU A 183 2.74 16.71 10.33
CA LEU A 183 3.75 15.69 10.12
C LEU A 183 3.16 14.31 10.36
N TYR A 184 3.76 13.31 9.73
CA TYR A 184 3.28 11.95 9.78
C TYR A 184 4.06 11.13 10.80
N SER A 185 3.49 9.98 11.16
CA SER A 185 4.09 9.09 12.13
C SER A 185 3.55 7.68 11.89
N LEU A 186 4.42 6.68 12.01
CA LEU A 186 3.98 5.30 11.88
C LEU A 186 4.84 4.42 12.77
N SER A 187 4.33 3.22 13.02
CA SER A 187 5.05 2.20 13.76
C SER A 187 5.19 0.95 12.90
N SER A 188 6.30 0.25 13.11
CA SER A 188 6.55 -1.06 12.51
C SER A 188 6.90 -2.02 13.64
N VAL A 189 6.20 -3.14 13.71
CA VAL A 189 6.41 -4.09 14.78
C VAL A 189 6.56 -5.50 14.21
N VAL A 190 7.33 -6.30 14.92
CA VAL A 190 7.55 -7.70 14.58
C VAL A 190 7.49 -8.50 15.87
N THR A 191 6.88 -9.67 15.82
CA THR A 191 6.90 -10.58 16.95
C THR A 191 7.91 -11.69 16.66
N VAL A 192 8.75 -11.98 17.65
CA VAL A 192 9.84 -12.93 17.46
C VAL A 192 9.84 -13.92 18.62
N PRO A 193 10.65 -14.98 18.58
CA PRO A 193 10.74 -15.86 19.75
C PRO A 193 11.36 -15.15 20.93
N SER A 194 10.75 -15.32 22.11
CA SER A 194 11.28 -14.66 23.29
C SER A 194 12.54 -15.37 23.81
N SER A 195 12.65 -16.67 23.58
CA SER A 195 13.78 -17.42 24.11
C SER A 195 15.12 -16.90 23.59
N SER A 196 15.16 -16.38 22.38
CA SER A 196 16.42 -16.05 21.70
C SER A 196 16.62 -14.54 21.51
N LEU A 197 16.17 -13.73 22.47
CA LEU A 197 16.44 -12.28 22.40
C LEU A 197 17.91 -11.97 22.66
N GLY A 198 18.64 -12.86 23.30
CA GLY A 198 20.02 -12.60 23.65
C GLY A 198 21.02 -12.93 22.55
N THR A 199 20.64 -13.81 21.62
CA THR A 199 21.54 -14.20 20.54
C THR A 199 21.17 -13.61 19.18
N GLN A 200 19.90 -13.31 18.95
CA GLN A 200 19.47 -12.76 17.67
C GLN A 200 19.56 -11.24 17.68
N THR A 201 19.74 -10.68 16.50
CA THR A 201 19.79 -9.24 16.31
C THR A 201 18.63 -8.79 15.44
N TYR A 202 18.04 -7.65 15.80
CA TYR A 202 16.84 -7.15 15.15
C TYR A 202 17.03 -5.68 14.83
N ILE A 203 17.01 -5.35 13.53
CA ILE A 203 17.35 -4.02 13.05
C ILE A 203 16.21 -3.52 12.18
N CYS A 204 15.73 -2.31 12.47
CA CYS A 204 14.80 -1.62 11.57
C CYS A 204 15.60 -0.89 10.50
N ASN A 205 15.24 -1.11 9.25
CA ASN A 205 15.79 -0.34 8.14
C ASN A 205 14.69 0.61 7.69
N VAL A 206 14.93 1.91 7.86
CA VAL A 206 13.92 2.94 7.61
C VAL A 206 14.40 3.77 6.44
N ASN A 207 13.56 3.90 5.41
CA ASN A 207 13.87 4.65 4.21
C ASN A 207 12.81 5.72 4.00
N HIS A 208 13.26 6.97 3.91
CA HIS A 208 12.41 8.11 3.57
C HIS A 208 13.15 8.86 2.47
N LYS A 209 12.90 8.46 1.22
CA LYS A 209 13.63 9.07 0.10
C LYS A 209 13.47 10.58 0.01
N PRO A 210 12.29 11.17 0.24
CA PRO A 210 12.18 12.64 0.10
C PRO A 210 13.20 13.40 0.95
N SER A 211 13.63 12.85 2.08
CA SER A 211 14.63 13.49 2.93
C SER A 211 15.93 12.69 2.99
N ASN A 212 16.20 11.85 1.99
CA ASN A 212 17.48 11.15 1.87
C ASN A 212 17.87 10.44 3.15
N THR A 213 16.86 9.96 3.88
CA THR A 213 17.07 9.31 5.16
C THR A 213 17.11 7.79 4.96
N LYS A 214 18.25 7.18 5.31
CA LYS A 214 18.38 5.74 5.40
C LYS A 214 18.95 5.44 6.79
N VAL A 215 18.13 4.85 7.65
CA VAL A 215 18.46 4.65 9.06
C VAL A 215 18.39 3.17 9.38
N ASP A 216 19.36 2.71 10.17
CA ASP A 216 19.39 1.34 10.68
C ASP A 216 19.43 1.43 12.20
N LYS A 217 18.34 1.02 12.84
CA LYS A 217 18.19 1.12 14.29
C LYS A 217 18.11 -0.28 14.88
N LYS A 218 19.16 -0.68 15.58
CA LYS A 218 19.14 -1.93 16.33
C LYS A 218 18.15 -1.80 17.49
N VAL A 219 17.33 -2.82 17.69
CA VAL A 219 16.34 -2.83 18.77
C VAL A 219 16.74 -3.91 19.76
N GLU A 220 17.08 -3.50 20.98
CA GLU A 220 17.56 -4.39 22.01
C GLU A 220 16.71 -4.21 23.27
N PRO A 221 16.59 -5.28 24.11
CA PRO A 221 15.83 -5.21 25.36
C PRO A 221 16.13 -3.98 26.21
N ASP B 1 -15.11 7.48 -24.05
CA ASP B 1 -14.81 7.02 -22.67
C ASP B 1 -15.64 5.80 -22.31
N ILE B 2 -15.02 4.62 -22.38
CA ILE B 2 -15.69 3.40 -21.93
C ILE B 2 -15.64 3.39 -20.41
N VAL B 3 -16.80 3.56 -19.78
CA VAL B 3 -16.90 3.52 -18.33
C VAL B 3 -17.02 2.06 -17.89
N MET B 4 -16.07 1.63 -17.05
CA MET B 4 -16.09 0.29 -16.49
C MET B 4 -16.71 0.36 -15.11
N THR B 5 -17.80 -0.37 -14.91
CA THR B 5 -18.51 -0.40 -13.63
C THR B 5 -18.44 -1.81 -13.05
N GLN B 6 -18.07 -1.91 -11.79
CA GLN B 6 -17.93 -3.20 -11.13
C GLN B 6 -19.00 -3.36 -10.06
N SER B 7 -19.39 -4.61 -9.85
CA SER B 7 -20.36 -4.95 -8.82
C SER B 7 -19.90 -6.23 -8.11
N PRO B 8 -19.94 -6.27 -6.78
CA PRO B 8 -20.24 -5.18 -5.85
C PRO B 8 -18.98 -4.37 -5.58
N ASP B 9 -19.07 -3.32 -4.75
CA ASP B 9 -17.87 -2.59 -4.37
C ASP B 9 -17.07 -3.36 -3.31
N SER B 10 -17.75 -4.07 -2.42
CA SER B 10 -17.09 -4.87 -1.40
C SER B 10 -17.69 -6.26 -1.39
N LEU B 11 -16.83 -7.27 -1.31
CA LEU B 11 -17.25 -8.66 -1.22
C LEU B 11 -16.54 -9.33 -0.04
N ALA B 12 -17.31 -10.02 0.80
CA ALA B 12 -16.78 -10.68 1.99
C ALA B 12 -17.30 -12.12 2.04
N VAL B 13 -16.37 -13.07 2.11
CA VAL B 13 -16.71 -14.49 2.07
C VAL B 13 -15.80 -15.27 3.01
N SER B 14 -16.25 -16.46 3.39
CA SER B 14 -15.45 -17.33 4.24
C SER B 14 -14.36 -17.99 3.40
N LEU B 15 -13.34 -18.47 4.11
CA LEU B 15 -12.21 -19.10 3.44
C LEU B 15 -12.67 -20.35 2.70
N GLY B 16 -12.35 -20.41 1.41
CA GLY B 16 -12.68 -21.54 0.58
C GLY B 16 -13.94 -21.38 -0.26
N GLU B 17 -14.79 -20.41 0.07
CA GLU B 17 -16.04 -20.25 -0.66
C GLU B 17 -15.78 -19.57 -2.00
N ARG B 18 -16.76 -19.72 -2.90
CA ARG B 18 -16.68 -19.11 -4.22
C ARG B 18 -16.91 -17.60 -4.12
N ALA B 19 -16.14 -16.85 -4.90
CA ALA B 19 -16.26 -15.40 -4.97
C ALA B 19 -16.34 -14.98 -6.42
N THR B 20 -17.28 -14.09 -6.74
CA THR B 20 -17.48 -13.64 -8.11
C THR B 20 -17.60 -12.13 -8.15
N ILE B 21 -16.85 -11.52 -9.06
CA ILE B 21 -16.84 -10.07 -9.26
C ILE B 21 -17.38 -9.80 -10.67
N ASN B 22 -18.28 -8.83 -10.78
CA ASN B 22 -18.95 -8.50 -12.02
C ASN B 22 -18.44 -7.17 -12.56
N CYS B 23 -18.20 -7.12 -13.86
CA CYS B 23 -17.80 -5.88 -14.54
C CYS B 23 -18.72 -5.67 -15.73
N LYS B 24 -19.21 -4.45 -15.88
CA LYS B 24 -20.10 -4.07 -16.97
C LYS B 24 -19.49 -2.89 -17.71
N SER B 25 -19.17 -3.09 -18.98
CA SER B 25 -18.64 -2.01 -19.81
C SER B 25 -19.80 -1.28 -20.48
N SER B 26 -19.62 0.03 -20.69
CA SER B 26 -20.73 0.86 -21.13
C SER B 26 -21.01 0.71 -22.61
N GLN B 27 -20.00 0.35 -23.41
CA GLN B 27 -20.20 -0.09 -24.78
C GLN B 27 -19.53 -1.44 -24.95
N SER B 28 -19.78 -2.07 -26.10
CA SER B 28 -19.26 -3.40 -26.35
C SER B 28 -17.74 -3.39 -26.44
N VAL B 29 -17.14 -4.44 -25.86
CA VAL B 29 -15.69 -4.62 -25.89
C VAL B 29 -15.31 -5.72 -26.90
N LEU B 30 -16.26 -6.21 -27.67
CA LEU B 30 -16.04 -7.31 -28.60
C LEU B 30 -15.76 -6.76 -30.00
N TYR B 31 -14.71 -7.31 -30.64
CA TYR B 31 -14.45 -7.09 -32.06
C TYR B 31 -14.90 -8.34 -32.79
N SER B 32 -15.99 -8.24 -33.55
CA SER B 32 -16.62 -9.42 -34.13
C SER B 32 -15.75 -10.09 -35.18
N SER B 33 -14.83 -9.35 -35.82
CA SER B 33 -14.03 -9.95 -36.89
C SER B 33 -13.03 -10.97 -36.35
N ASN B 34 -12.44 -10.70 -35.17
CA ASN B 34 -11.54 -11.64 -34.53
C ASN B 34 -12.13 -12.27 -33.27
N ASN B 35 -13.35 -11.90 -32.90
CA ASN B 35 -14.08 -12.52 -31.79
C ASN B 35 -13.29 -12.47 -30.48
N LYS B 36 -12.62 -11.34 -30.23
CA LYS B 36 -11.89 -11.14 -28.99
C LYS B 36 -12.52 -10.01 -28.21
N ASN B 37 -12.54 -10.15 -26.89
CA ASN B 37 -12.95 -9.10 -25.95
C ASN B 37 -11.70 -8.44 -25.38
N TYR B 38 -11.59 -7.12 -25.55
CA TYR B 38 -10.44 -6.34 -25.09
C TYR B 38 -10.65 -5.92 -23.64
N LEU B 39 -10.50 -6.89 -22.74
CA LEU B 39 -10.74 -6.67 -21.32
C LEU B 39 -9.76 -7.48 -20.51
N ALA B 40 -9.20 -6.86 -19.47
CA ALA B 40 -8.30 -7.54 -18.56
C ALA B 40 -8.78 -7.36 -17.13
N TRP B 41 -8.26 -8.19 -16.24
CA TRP B 41 -8.50 -8.10 -14.82
C TRP B 41 -7.17 -7.98 -14.09
N TYR B 42 -7.13 -7.09 -13.11
CA TYR B 42 -5.94 -6.87 -12.29
C TYR B 42 -6.26 -7.16 -10.84
N GLN B 43 -5.25 -7.60 -10.11
CA GLN B 43 -5.27 -7.72 -8.66
C GLN B 43 -4.28 -6.74 -8.07
N GLN B 44 -4.67 -6.07 -6.98
CA GLN B 44 -3.76 -5.16 -6.31
C GLN B 44 -3.82 -5.43 -4.81
N LYS B 45 -2.78 -6.09 -4.30
CA LYS B 45 -2.57 -6.16 -2.87
C LYS B 45 -2.07 -4.81 -2.37
N PRO B 46 -2.24 -4.52 -1.09
CA PRO B 46 -1.89 -3.18 -0.60
C PRO B 46 -0.37 -2.99 -0.57
N GLY B 47 0.06 -1.81 -1.01
CA GLY B 47 1.47 -1.51 -1.10
C GLY B 47 2.17 -2.06 -2.33
N GLN B 48 1.48 -2.83 -3.16
CA GLN B 48 2.05 -3.38 -4.39
C GLN B 48 1.39 -2.74 -5.60
N PRO B 49 2.01 -2.82 -6.78
CA PRO B 49 1.33 -2.42 -8.00
C PRO B 49 0.31 -3.46 -8.40
N PRO B 50 -0.61 -3.12 -9.31
CA PRO B 50 -1.56 -4.12 -9.80
C PRO B 50 -0.84 -5.31 -10.42
N ASN B 51 -1.55 -6.43 -10.46
CA ASN B 51 -1.06 -7.66 -11.05
C ASN B 51 -2.07 -8.18 -12.05
N LEU B 52 -1.63 -8.40 -13.29
CA LEU B 52 -2.52 -8.88 -14.34
C LEU B 52 -2.90 -10.33 -14.09
N LEU B 53 -4.20 -10.59 -13.96
CA LEU B 53 -4.73 -11.94 -13.78
C LEU B 53 -5.21 -12.55 -15.08
N ILE B 54 -6.11 -11.85 -15.78
CA ILE B 54 -6.81 -12.39 -16.94
C ILE B 54 -6.74 -11.36 -18.06
N TYR B 55 -6.51 -11.83 -19.28
CA TYR B 55 -6.56 -10.99 -20.46
C TYR B 55 -7.35 -11.69 -21.56
N TRP B 56 -7.78 -10.91 -22.54
CA TRP B 56 -8.74 -11.37 -23.55
C TRP B 56 -10.00 -11.92 -22.87
N ALA B 57 -10.40 -11.27 -21.78
CA ALA B 57 -11.63 -11.58 -21.06
C ALA B 57 -11.58 -12.89 -20.29
N SER B 58 -10.89 -13.91 -20.82
CA SER B 58 -10.92 -15.23 -20.17
C SER B 58 -9.58 -15.94 -20.16
N THR B 59 -8.55 -15.42 -20.82
CA THR B 59 -7.26 -16.09 -20.87
C THR B 59 -6.46 -15.75 -19.62
N ARG B 60 -6.13 -16.78 -18.84
CA ARG B 60 -5.37 -16.59 -17.61
C ARG B 60 -3.88 -16.51 -17.92
N GLN B 61 -3.18 -15.61 -17.24
CA GLN B 61 -1.75 -15.46 -17.47
C GLN B 61 -0.99 -16.54 -16.69
N SER B 62 0.04 -17.08 -17.31
CA SER B 62 0.83 -18.12 -16.67
C SER B 62 1.37 -17.61 -15.34
N GLY B 63 1.26 -18.45 -14.31
CA GLY B 63 1.64 -18.05 -12.97
C GLY B 63 0.43 -17.83 -12.08
N VAL B 64 -0.63 -17.29 -12.66
CA VAL B 64 -1.87 -17.08 -11.91
C VAL B 64 -2.47 -18.44 -11.56
N PRO B 65 -2.86 -18.68 -10.30
CA PRO B 65 -3.47 -19.97 -9.96
C PRO B 65 -4.74 -20.25 -10.77
N ASP B 66 -5.11 -21.52 -10.82
CA ASP B 66 -6.25 -21.96 -11.62
C ASP B 66 -7.57 -21.44 -11.08
N ARG B 67 -7.67 -21.17 -9.78
CA ARG B 67 -8.94 -20.79 -9.17
C ARG B 67 -9.45 -19.44 -9.68
N PHE B 68 -8.61 -18.67 -10.35
CA PHE B 68 -9.04 -17.43 -10.99
C PHE B 68 -9.47 -17.75 -12.43
N SER B 69 -10.71 -17.41 -12.77
CA SER B 69 -11.21 -17.59 -14.12
C SER B 69 -12.02 -16.38 -14.54
N GLY B 70 -11.92 -16.04 -15.82
CA GLY B 70 -12.70 -14.96 -16.39
C GLY B 70 -13.63 -15.45 -17.48
N SER B 71 -14.74 -14.76 -17.65
CA SER B 71 -15.73 -15.13 -18.65
C SER B 71 -16.57 -13.92 -19.00
N GLY B 72 -17.52 -14.11 -19.90
CA GLY B 72 -18.36 -13.05 -20.40
C GLY B 72 -17.92 -12.59 -21.78
N SER B 73 -18.80 -11.84 -22.43
CA SER B 73 -18.54 -11.33 -23.76
C SER B 73 -19.39 -10.10 -24.00
N GLY B 74 -18.84 -9.14 -24.72
CA GLY B 74 -19.59 -7.96 -25.09
C GLY B 74 -19.50 -6.85 -24.06
N THR B 75 -20.48 -6.82 -23.15
CA THR B 75 -20.56 -5.76 -22.15
C THR B 75 -20.67 -6.28 -20.72
N ASP B 76 -20.75 -7.59 -20.52
CA ASP B 76 -20.89 -8.17 -19.19
C ASP B 76 -19.79 -9.19 -18.96
N PHE B 77 -19.08 -9.05 -17.84
CA PHE B 77 -17.89 -9.84 -17.57
C PHE B 77 -17.83 -10.21 -16.10
N THR B 78 -17.33 -11.41 -15.84
CA THR B 78 -17.27 -11.96 -14.50
C THR B 78 -15.85 -12.42 -14.21
N LEU B 79 -15.38 -12.15 -12.99
CA LEU B 79 -14.17 -12.75 -12.46
C LEU B 79 -14.56 -13.64 -11.30
N THR B 80 -14.16 -14.90 -11.36
CA THR B 80 -14.54 -15.89 -10.37
C THR B 80 -13.29 -16.38 -9.66
N ILE B 81 -13.35 -16.43 -8.33
CA ILE B 81 -12.39 -17.15 -7.53
C ILE B 81 -13.14 -18.35 -6.96
N SER B 82 -12.83 -19.54 -7.48
CA SER B 82 -13.62 -20.72 -7.16
C SER B 82 -13.43 -21.15 -5.70
N SER B 83 -12.28 -20.85 -5.12
CA SER B 83 -12.01 -21.21 -3.72
C SER B 83 -11.08 -20.14 -3.16
N LEU B 84 -11.66 -19.21 -2.40
CA LEU B 84 -10.91 -18.06 -1.93
C LEU B 84 -9.90 -18.49 -0.87
N GLN B 85 -8.63 -18.21 -1.12
CA GLN B 85 -7.57 -18.43 -0.15
C GLN B 85 -7.21 -17.13 0.54
N ALA B 86 -6.54 -17.24 1.69
CA ALA B 86 -6.30 -16.08 2.54
C ALA B 86 -5.57 -14.98 1.79
N GLU B 87 -4.54 -15.33 1.03
CA GLU B 87 -3.77 -14.34 0.30
C GLU B 87 -4.54 -13.71 -0.86
N ASP B 88 -5.77 -14.15 -1.14
CA ASP B 88 -6.56 -13.52 -2.19
C ASP B 88 -7.15 -12.18 -1.75
N VAL B 89 -7.02 -11.81 -0.48
CA VAL B 89 -7.43 -10.48 -0.03
C VAL B 89 -6.75 -9.43 -0.88
N ALA B 90 -7.53 -8.53 -1.47
CA ALA B 90 -7.00 -7.54 -2.40
C ALA B 90 -8.14 -6.74 -3.03
N VAL B 91 -7.78 -5.74 -3.84
CA VAL B 91 -8.75 -5.03 -4.68
C VAL B 91 -8.57 -5.47 -6.13
N TYR B 92 -9.68 -5.73 -6.81
CA TYR B 92 -9.67 -6.30 -8.15
C TYR B 92 -10.27 -5.31 -9.13
N TYR B 93 -9.54 -5.03 -10.20
CA TYR B 93 -9.95 -4.04 -11.20
C TYR B 93 -10.13 -4.70 -12.55
N CYS B 94 -11.23 -4.38 -13.24
CA CYS B 94 -11.32 -4.70 -14.66
C CYS B 94 -10.76 -3.52 -15.46
N HIS B 95 -10.39 -3.81 -16.70
CA HIS B 95 -9.66 -2.86 -17.52
C HIS B 95 -9.91 -3.15 -18.98
N GLN B 96 -10.31 -2.12 -19.73
CA GLN B 96 -10.57 -2.26 -21.15
C GLN B 96 -9.48 -1.56 -21.94
N TYR B 97 -8.95 -2.27 -22.95
CA TYR B 97 -7.96 -1.73 -23.86
C TYR B 97 -8.52 -1.71 -25.29
N TYR B 98 -9.82 -1.46 -25.39
CA TYR B 98 -10.54 -1.42 -26.65
C TYR B 98 -10.48 -0.04 -27.29
N SER B 99 -10.64 1.00 -26.49
CA SER B 99 -10.75 2.36 -26.99
C SER B 99 -9.85 3.27 -26.16
N SER B 100 -9.42 4.36 -26.77
CA SER B 100 -8.67 5.39 -26.07
C SER B 100 -9.65 6.43 -25.53
N PRO B 101 -9.47 6.86 -24.27
CA PRO B 101 -8.41 6.51 -23.32
C PRO B 101 -8.66 5.15 -22.68
N LEU B 102 -7.60 4.40 -22.44
CA LEU B 102 -7.70 3.22 -21.59
C LEU B 102 -8.37 3.58 -20.28
N THR B 103 -9.19 2.67 -19.76
CA THR B 103 -9.92 2.93 -18.53
C THR B 103 -9.92 1.70 -17.66
N PHE B 104 -10.12 1.95 -16.37
CA PHE B 104 -10.21 0.91 -15.35
C PHE B 104 -11.54 1.06 -14.62
N GLY B 105 -12.03 -0.03 -14.06
CA GLY B 105 -13.15 0.05 -13.14
C GLY B 105 -12.74 0.59 -11.79
N GLY B 106 -13.73 0.81 -10.93
CA GLY B 106 -13.52 1.37 -9.61
C GLY B 106 -12.96 0.43 -8.57
N GLY B 107 -12.69 -0.82 -8.91
CA GLY B 107 -12.13 -1.76 -7.96
C GLY B 107 -13.19 -2.44 -7.10
N THR B 108 -12.91 -3.69 -6.74
CA THR B 108 -13.76 -4.44 -5.82
C THR B 108 -12.87 -5.00 -4.73
N LYS B 109 -13.16 -4.62 -3.50
CA LYS B 109 -12.42 -5.09 -2.34
C LYS B 109 -12.97 -6.43 -1.89
N VAL B 110 -12.09 -7.42 -1.77
CA VAL B 110 -12.46 -8.77 -1.33
C VAL B 110 -11.88 -8.98 0.07
N GLU B 111 -12.74 -9.36 1.01
CA GLU B 111 -12.35 -9.59 2.38
C GLU B 111 -12.74 -11.00 2.81
N ILE B 112 -12.05 -11.50 3.82
CA ILE B 112 -12.31 -12.82 4.38
C ILE B 112 -13.19 -12.68 5.62
N LYS B 113 -14.10 -13.60 5.74
CA LYS B 113 -14.92 -13.69 6.90
C LYS B 113 -14.21 -14.79 7.75
N ARG B 114 -13.92 -14.54 9.04
CA ARG B 114 -12.95 -15.26 9.92
C ARG B 114 -13.63 -15.57 11.33
N THR B 115 -13.22 -16.58 12.10
CA THR B 115 -13.71 -16.76 13.50
C THR B 115 -13.14 -15.64 14.38
N VAL B 116 -13.82 -15.35 15.46
CA VAL B 116 -13.38 -14.33 16.41
C VAL B 116 -11.98 -14.68 16.90
N ALA B 117 -11.15 -13.65 17.05
CA ALA B 117 -9.83 -13.79 17.65
C ALA B 117 -9.58 -12.57 18.52
N ALA B 118 -9.45 -12.79 19.83
CA ALA B 118 -9.18 -11.68 20.72
C ALA B 118 -7.77 -11.14 20.47
N PRO B 119 -7.54 -9.86 20.70
CA PRO B 119 -6.21 -9.28 20.44
C PRO B 119 -5.22 -9.63 21.54
N SER B 120 -3.95 -9.59 21.17
CA SER B 120 -2.85 -9.60 22.12
C SER B 120 -2.43 -8.15 22.33
N VAL B 121 -2.46 -7.69 23.58
CA VAL B 121 -2.23 -6.29 23.91
C VAL B 121 -0.82 -6.12 24.46
N PHE B 122 -0.06 -5.18 23.89
CA PHE B 122 1.25 -4.82 24.39
C PHE B 122 1.35 -3.31 24.52
N ILE B 123 2.22 -2.86 25.42
CA ILE B 123 2.48 -1.45 25.63
C ILE B 123 3.99 -1.24 25.65
N PHE B 124 4.41 -0.04 25.24
CA PHE B 124 5.83 0.29 25.12
C PHE B 124 6.02 1.67 25.74
N PRO B 125 6.88 1.83 26.75
CA PRO B 125 7.20 3.18 27.24
C PRO B 125 8.02 3.93 26.22
N PRO B 126 8.09 5.26 26.33
CA PRO B 126 8.94 6.02 25.40
C PRO B 126 10.40 5.63 25.60
N SER B 127 11.12 5.55 24.49
CA SER B 127 12.55 5.35 24.60
C SER B 127 13.19 6.56 25.28
N ASP B 128 14.34 6.33 25.91
CA ASP B 128 15.08 7.44 26.49
C ASP B 128 15.59 8.38 25.41
N GLU B 129 15.87 7.86 24.22
CA GLU B 129 16.34 8.73 23.14
C GLU B 129 15.27 9.73 22.72
N GLN B 130 13.99 9.34 22.77
CA GLN B 130 12.93 10.27 22.40
C GLN B 130 12.72 11.34 23.46
N LEU B 131 12.96 11.01 24.73
CA LEU B 131 12.79 11.97 25.81
C LEU B 131 13.87 13.06 25.78
N LYS B 132 15.01 12.80 25.15
CA LYS B 132 16.02 13.84 24.99
C LYS B 132 15.49 14.98 24.13
N SER B 133 14.56 14.70 23.23
CA SER B 133 13.96 15.71 22.37
C SER B 133 12.71 16.32 22.99
N GLY B 134 12.43 16.05 24.26
CA GLY B 134 11.36 16.72 24.97
C GLY B 134 9.97 16.21 24.68
N THR B 135 9.83 15.06 24.03
CA THR B 135 8.53 14.50 23.69
C THR B 135 8.52 13.03 24.08
N ALA B 136 7.33 12.51 24.37
CA ALA B 136 7.16 11.14 24.83
C ALA B 136 5.98 10.50 24.10
N SER B 137 6.24 9.38 23.43
CA SER B 137 5.21 8.61 22.77
C SER B 137 5.05 7.28 23.49
N VAL B 138 3.82 6.98 23.89
CA VAL B 138 3.48 5.71 24.52
C VAL B 138 2.65 4.91 23.51
N VAL B 139 3.16 3.74 23.13
CA VAL B 139 2.59 2.97 22.04
C VAL B 139 1.92 1.73 22.62
N CYS B 140 0.65 1.54 22.28
CA CYS B 140 -0.09 0.33 22.59
C CYS B 140 -0.31 -0.46 21.32
N LEU B 141 -0.16 -1.78 21.40
CA LEU B 141 -0.24 -2.66 20.24
C LEU B 141 -1.29 -3.73 20.46
N LEU B 142 -2.25 -3.83 19.54
CA LEU B 142 -3.25 -4.90 19.50
C LEU B 142 -2.93 -5.80 18.30
N ASN B 143 -2.44 -6.99 18.57
CA ASN B 143 -1.92 -7.87 17.54
C ASN B 143 -2.93 -8.95 17.14
N ASN B 144 -3.18 -9.06 15.83
CA ASN B 144 -3.79 -10.23 15.22
C ASN B 144 -5.13 -10.56 15.89
N PHE B 145 -6.13 -9.73 15.57
CA PHE B 145 -7.47 -9.93 16.07
C PHE B 145 -8.51 -9.85 14.95
N TYR B 146 -9.70 -10.35 15.26
CA TYR B 146 -10.85 -10.32 14.35
C TYR B 146 -12.15 -10.42 15.16
N PRO B 147 -13.18 -9.64 14.81
CA PRO B 147 -13.29 -8.70 13.69
C PRO B 147 -12.50 -7.40 13.91
N ARG B 148 -12.55 -6.50 12.93
CA ARG B 148 -11.69 -5.32 12.93
C ARG B 148 -12.08 -4.31 13.99
N GLU B 149 -13.31 -4.35 14.48
CA GLU B 149 -13.81 -3.35 15.40
C GLU B 149 -13.16 -3.52 16.77
N ALA B 150 -12.49 -2.48 17.24
CA ALA B 150 -11.84 -2.51 18.54
C ALA B 150 -11.82 -1.10 19.11
N LYS B 151 -11.98 -1.00 20.43
CA LYS B 151 -11.89 0.27 21.15
C LYS B 151 -10.68 0.27 22.05
N VAL B 152 -9.91 1.35 22.01
CA VAL B 152 -8.74 1.55 22.86
C VAL B 152 -8.94 2.85 23.65
N GLN B 153 -8.68 2.79 24.94
CA GLN B 153 -8.74 3.96 25.80
C GLN B 153 -7.46 4.06 26.60
N TRP B 154 -6.95 5.28 26.71
CA TRP B 154 -5.73 5.55 27.45
C TRP B 154 -6.06 6.09 28.83
N LYS B 155 -5.22 5.72 29.80
CA LYS B 155 -5.37 6.21 31.16
C LYS B 155 -4.01 6.57 31.73
N VAL B 156 -3.91 7.78 32.27
CA VAL B 156 -2.69 8.24 32.92
C VAL B 156 -3.06 8.50 34.39
N ASP B 157 -2.33 7.84 35.30
CA ASP B 157 -2.67 7.86 36.72
C ASP B 157 -4.12 7.44 36.95
N ASN B 158 -4.61 6.51 36.15
CA ASN B 158 -5.97 5.96 36.23
C ASN B 158 -7.02 6.92 35.70
N ALA B 159 -6.62 8.02 35.07
CA ALA B 159 -7.56 9.01 34.55
C ALA B 159 -7.74 8.83 33.06
N LEU B 160 -8.98 8.65 32.62
CA LEU B 160 -9.27 8.53 31.21
C LEU B 160 -8.80 9.79 30.46
N GLN B 161 -8.11 9.58 29.35
CA GLN B 161 -7.55 10.66 28.54
C GLN B 161 -8.43 10.96 27.34
N SER B 162 -8.21 12.14 26.75
CA SER B 162 -8.88 12.53 25.53
C SER B 162 -8.08 13.61 24.85
N GLY B 163 -7.91 13.49 23.53
CA GLY B 163 -7.30 14.52 22.73
C GLY B 163 -5.85 14.30 22.37
N ASN B 164 -5.21 13.27 22.92
CA ASN B 164 -3.77 13.13 22.81
C ASN B 164 -3.34 11.77 22.27
N SER B 165 -4.22 11.03 21.59
CA SER B 165 -3.83 9.75 21.03
C SER B 165 -4.35 9.62 19.60
N GLN B 166 -3.68 8.76 18.85
CA GLN B 166 -4.03 8.47 17.46
C GLN B 166 -3.87 6.98 17.22
N GLU B 167 -4.72 6.45 16.35
CA GLU B 167 -4.79 5.02 16.07
C GLU B 167 -4.57 4.77 14.58
N SER B 168 -4.20 3.52 14.29
CA SER B 168 -4.01 3.06 12.92
C SER B 168 -4.23 1.55 12.89
N VAL B 169 -4.95 1.08 11.87
CA VAL B 169 -5.29 -0.32 11.73
C VAL B 169 -4.70 -0.85 10.43
N THR B 170 -4.08 -2.03 10.52
CA THR B 170 -3.50 -2.64 9.35
C THR B 170 -4.57 -3.05 8.35
N GLU B 171 -4.12 -3.38 7.14
CA GLU B 171 -4.93 -4.17 6.24
C GLU B 171 -5.08 -5.59 6.78
N GLN B 172 -6.02 -6.33 6.23
CA GLN B 172 -6.24 -7.71 6.65
C GLN B 172 -5.03 -8.56 6.28
N ASP B 173 -4.60 -9.42 7.22
CA ASP B 173 -3.40 -10.22 7.01
C ASP B 173 -3.61 -11.25 5.91
N SER B 174 -2.59 -11.38 5.05
CA SER B 174 -2.65 -12.32 3.94
C SER B 174 -2.66 -13.77 4.39
N LYS B 175 -2.21 -14.05 5.61
CA LYS B 175 -2.03 -15.43 6.07
C LYS B 175 -3.10 -15.89 7.04
N ASP B 176 -3.39 -15.13 8.10
CA ASP B 176 -4.39 -15.53 9.07
C ASP B 176 -5.66 -14.69 9.03
N SER B 177 -5.69 -13.62 8.24
CA SER B 177 -6.90 -12.85 7.99
C SER B 177 -7.31 -12.01 9.19
N THR B 178 -6.35 -11.69 10.06
CA THR B 178 -6.59 -10.87 11.23
C THR B 178 -6.13 -9.43 10.95
N TYR B 179 -6.47 -8.55 11.87
CA TYR B 179 -6.02 -7.17 11.86
C TYR B 179 -5.08 -6.91 13.01
N SER B 180 -4.42 -5.76 12.95
CA SER B 180 -3.63 -5.25 14.06
C SER B 180 -3.85 -3.74 14.14
N LEU B 181 -3.70 -3.20 15.34
CA LEU B 181 -3.92 -1.80 15.61
C LEU B 181 -2.87 -1.30 16.58
N SER B 182 -2.34 -0.11 16.31
CA SER B 182 -1.44 0.58 17.23
C SER B 182 -2.04 1.93 17.59
N SER B 183 -2.09 2.21 18.89
CA SER B 183 -2.53 3.51 19.39
C SER B 183 -1.35 4.19 20.07
N THR B 184 -1.13 5.47 19.76
CA THR B 184 0.01 6.22 20.26
C THR B 184 -0.50 7.39 21.09
N LEU B 185 -0.11 7.40 22.36
CA LEU B 185 -0.33 8.53 23.25
C LEU B 185 0.93 9.39 23.24
N THR B 186 0.79 10.65 22.87
CA THR B 186 1.92 11.58 22.81
C THR B 186 1.77 12.63 23.90
N LEU B 187 2.85 12.86 24.63
CA LEU B 187 2.88 13.85 25.69
C LEU B 187 4.21 14.59 25.62
N SER B 188 4.22 15.81 26.14
CA SER B 188 5.49 16.48 26.39
C SER B 188 6.27 15.72 27.44
N LYS B 189 7.60 15.86 27.41
CA LYS B 189 8.43 15.20 28.41
C LYS B 189 7.97 15.54 29.82
N ALA B 190 7.79 16.84 30.09
CA ALA B 190 7.43 17.27 31.45
C ALA B 190 6.13 16.63 31.89
N ASP B 191 5.10 16.70 31.04
CA ASP B 191 3.81 16.10 31.37
C ASP B 191 3.96 14.60 31.65
N TYR B 192 4.80 13.92 30.87
CA TYR B 192 5.04 12.50 31.10
C TYR B 192 5.73 12.27 32.44
N GLU B 193 6.67 13.13 32.80
CA GLU B 193 7.31 13.02 34.11
C GLU B 193 6.31 13.23 35.24
N LYS B 194 5.28 14.05 35.02
CA LYS B 194 4.35 14.41 36.10
C LYS B 194 3.52 13.22 36.57
N HIS B 195 3.42 12.15 35.81
CA HIS B 195 2.52 11.05 36.12
C HIS B 195 3.29 9.74 36.18
N LYS B 196 2.73 8.80 36.93
CA LYS B 196 3.37 7.51 37.18
C LYS B 196 2.80 6.37 36.33
N VAL B 197 1.47 6.24 36.28
CA VAL B 197 0.82 5.05 35.72
C VAL B 197 0.32 5.38 34.33
N TYR B 198 0.78 4.61 33.34
CA TYR B 198 0.34 4.74 31.96
C TYR B 198 -0.25 3.42 31.52
N ALA B 199 -1.51 3.45 31.07
CA ALA B 199 -2.27 2.23 30.86
C ALA B 199 -3.05 2.30 29.55
N CYS B 200 -3.25 1.14 28.94
CA CYS B 200 -3.98 0.98 27.70
C CYS B 200 -5.11 0.00 27.95
N GLU B 201 -6.34 0.41 27.70
CA GLU B 201 -7.52 -0.41 27.97
C GLU B 201 -8.21 -0.73 26.65
N VAL B 202 -8.40 -2.03 26.37
CA VAL B 202 -8.82 -2.53 25.07
C VAL B 202 -10.15 -3.26 25.21
N THR B 203 -11.10 -2.91 24.36
CA THR B 203 -12.41 -3.56 24.31
C THR B 203 -12.58 -4.22 22.94
N HIS B 204 -12.90 -5.50 22.95
CA HIS B 204 -13.04 -6.25 21.71
C HIS B 204 -14.00 -7.41 21.92
N GLN B 205 -14.65 -7.82 20.83
CA GLN B 205 -15.70 -8.82 20.91
C GLN B 205 -15.22 -10.13 21.52
N GLY B 206 -13.95 -10.47 21.33
CA GLY B 206 -13.41 -11.71 21.87
C GLY B 206 -13.04 -11.67 23.33
N LEU B 207 -13.24 -10.53 23.99
CA LEU B 207 -12.95 -10.36 25.39
C LEU B 207 -14.25 -10.21 26.15
N SER B 208 -14.33 -10.84 27.34
CA SER B 208 -15.54 -10.75 28.14
C SER B 208 -15.61 -9.48 28.96
N SER B 209 -14.48 -8.81 29.14
CA SER B 209 -14.44 -7.46 29.70
C SER B 209 -13.20 -6.78 29.14
N PRO B 210 -13.10 -5.47 29.28
CA PRO B 210 -11.90 -4.77 28.81
C PRO B 210 -10.64 -5.32 29.46
N VAL B 211 -9.55 -5.30 28.70
CA VAL B 211 -8.22 -5.66 29.19
C VAL B 211 -7.41 -4.40 29.34
N THR B 212 -6.56 -4.35 30.37
CA THR B 212 -5.67 -3.22 30.59
C THR B 212 -4.23 -3.69 30.66
N LYS B 213 -3.37 -3.05 29.87
CA LYS B 213 -1.93 -3.15 29.99
C LYS B 213 -1.39 -1.84 30.53
N SER B 214 -0.45 -1.92 31.47
CA SER B 214 0.07 -0.71 32.08
C SER B 214 1.49 -0.93 32.57
N PHE B 215 2.23 0.16 32.68
CA PHE B 215 3.53 0.20 33.34
C PHE B 215 3.57 1.39 34.29
N ASN B 216 4.55 1.35 35.15
CA ASN B 216 4.80 2.45 36.03
C ASN B 216 6.03 3.14 35.38
N ARG B 217 6.13 4.46 35.29
CA ARG B 217 7.29 5.09 34.55
C ARG B 217 8.73 4.66 35.09
N GLY B 218 8.86 4.34 36.38
CA GLY B 218 10.11 3.80 36.89
C GLY B 218 10.53 2.52 36.14
N ASN C 1 -13.36 -1.46 -35.40
CA ASN C 1 -13.97 -0.89 -34.15
C ASN C 1 -12.90 -0.57 -33.08
N PRO C 2 -12.12 -1.56 -32.62
CA PRO C 2 -11.07 -1.24 -31.64
C PRO C 2 -10.02 -0.31 -32.24
N ASP C 3 -9.49 0.56 -31.39
CA ASP C 3 -8.46 1.50 -31.83
C ASP C 3 -7.08 0.90 -31.60
N PRO C 4 -6.31 0.62 -32.64
CA PRO C 4 -4.99 0.01 -32.41
C PRO C 4 -4.04 0.90 -31.63
N ASN C 5 -4.31 2.20 -31.53
CA ASN C 5 -3.44 3.14 -30.84
C ASN C 5 -3.82 3.32 -29.38
N ALA C 6 -4.91 2.70 -28.91
CA ALA C 6 -5.26 2.80 -27.49
C ALA C 6 -4.12 2.28 -26.63
N ASN C 7 -3.64 1.06 -26.93
CA ASN C 7 -2.41 0.53 -26.35
C ASN C 7 -1.59 -0.10 -27.47
N PRO C 8 -0.45 0.48 -27.85
CA PRO C 8 0.34 -0.10 -28.95
C PRO C 8 0.94 -1.46 -28.66
N ASN C 9 0.89 -1.94 -27.42
CA ASN C 9 1.49 -3.24 -27.10
C ASN C 9 0.56 -4.41 -27.39
N VAL C 10 -0.65 -4.16 -27.88
CA VAL C 10 -1.62 -5.22 -28.15
C VAL C 10 -1.66 -5.53 -29.64
#